data_1Y0X
#
_entry.id   1Y0X
#
_cell.length_a   68.790
_cell.length_b   68.790
_cell.length_c   130.400
_cell.angle_alpha   90.00
_cell.angle_beta   90.00
_cell.angle_gamma   120.00
#
_symmetry.space_group_name_H-M   'P 31 2 1'
#
loop_
_entity.id
_entity.type
_entity.pdbx_description
1 polymer 'Thyroid hormone receptor beta-1'
2 non-polymer 'CACODYLATE ION'
3 non-polymer "3,5,3',5'-TETRAIODO-L-THYRONINE"
4 water water
#
_entity_poly.entity_id   1
_entity_poly.type   'polypeptide(L)'
_entity_poly.pdbx_seq_one_letter_code
;MGSSHHHHHHSSGLVPRGSHMEELQKSIGHKPEPTDEEWELIKTVTEAHVATNAQGSHWKQKRKFLPEDIGQAPIVNAPE
GGKVDLEAFSHFTKIITPAITRVVDFAKKLPMFCELPCEDQIILLKGCCMEIMSLRAAVRYDPESETLTLNGEMAVTRGQ
LKNGGLGVVSDAIFDLGMSLSSFNLDDTEVALLQAVLLMSSDRPGLACVERIEKYQDSFLLAFEHYINYRKHHVTHFWPK
LLMKVTDLRMIGACHASRFLHMKVECPTELFPPLFLEVFED
;
_entity_poly.pdbx_strand_id   X
#
loop_
_chem_comp.id
_chem_comp.type
_chem_comp.name
_chem_comp.formula
CAC non-polymer 'CACODYLATE ION' 'C2 H6 As O2 -1'
T44 non-polymer 3,5,3',5'-TETRAIODO-L-THYRONINE 'C15 H11 I4 N O4'
#
# COMPACT_ATOMS: atom_id res chain seq x y z
N SER A 19 -3.36 -28.12 -12.39
CA SER A 19 -4.53 -28.23 -13.29
C SER A 19 -5.70 -27.49 -12.68
N HIS A 20 -5.59 -26.14 -12.74
CA HIS A 20 -6.67 -25.28 -12.28
C HIS A 20 -8.07 -25.79 -12.72
N MET A 21 -8.64 -26.68 -11.87
CA MET A 21 -10.02 -27.18 -11.91
C MET A 21 -10.82 -26.21 -10.99
N GLU A 22 -9.99 -25.50 -10.14
CA GLU A 22 -10.23 -24.41 -9.14
C GLU A 22 -11.56 -24.40 -8.50
N GLU A 23 -12.59 -24.16 -9.25
CA GLU A 23 -13.90 -24.17 -8.64
C GLU A 23 -14.30 -25.53 -8.10
N LEU A 24 -13.94 -26.55 -8.84
CA LEU A 24 -14.21 -27.89 -8.41
C LEU A 24 -13.47 -28.18 -7.10
N GLN A 25 -12.15 -27.97 -7.06
CA GLN A 25 -11.37 -28.07 -5.80
C GLN A 25 -12.00 -27.27 -4.54
N LYS A 26 -12.87 -26.30 -4.88
CA LYS A 26 -13.62 -25.45 -4.02
C LYS A 26 -15.10 -25.98 -3.93
N SER A 27 -15.40 -27.15 -4.46
CA SER A 27 -16.66 -27.70 -4.23
C SER A 27 -16.37 -28.83 -3.32
N ILE A 28 -15.17 -29.38 -3.35
CA ILE A 28 -14.93 -30.54 -2.55
C ILE A 28 -14.54 -30.03 -1.15
N GLY A 29 -14.15 -28.73 -1.14
CA GLY A 29 -13.62 -28.13 0.10
C GLY A 29 -12.11 -28.21 0.36
N HIS A 30 -11.34 -28.54 -0.62
CA HIS A 30 -9.94 -28.41 -0.41
C HIS A 30 -9.57 -26.91 -0.63
N LYS A 31 -8.43 -26.52 -0.08
CA LYS A 31 -8.01 -25.14 0.00
C LYS A 31 -6.64 -25.24 -0.70
N PRO A 32 -6.65 -25.00 -2.01
CA PRO A 32 -5.42 -25.10 -2.86
C PRO A 32 -4.27 -24.17 -2.52
N GLU A 33 -3.11 -24.73 -2.37
CA GLU A 33 -1.87 -24.03 -2.17
C GLU A 33 -1.29 -23.64 -3.50
N PRO A 34 -0.21 -22.83 -3.42
CA PRO A 34 0.43 -22.30 -4.63
C PRO A 34 1.06 -23.33 -5.60
N THR A 35 0.62 -23.31 -6.89
CA THR A 35 1.29 -24.04 -7.95
C THR A 35 2.63 -23.46 -8.05
N ASP A 36 3.44 -24.16 -8.86
CA ASP A 36 4.94 -24.05 -8.84
C ASP A 36 5.23 -22.72 -9.46
N GLU A 37 4.41 -22.44 -10.52
CA GLU A 37 4.50 -21.14 -11.24
C GLU A 37 4.18 -19.95 -10.18
N GLU A 38 3.17 -20.18 -9.29
CA GLU A 38 2.66 -19.19 -8.29
C GLU A 38 3.74 -18.93 -7.27
N TRP A 39 4.57 -19.94 -6.99
CA TRP A 39 5.62 -19.70 -5.98
C TRP A 39 6.66 -18.89 -6.50
N GLU A 40 6.88 -19.08 -7.79
CA GLU A 40 7.78 -18.19 -8.53
C GLU A 40 7.25 -16.66 -8.47
N LEU A 41 5.98 -16.45 -8.89
CA LEU A 41 5.38 -15.12 -8.82
C LEU A 41 5.42 -14.54 -7.42
N ILE A 42 5.22 -15.38 -6.46
CA ILE A 42 5.23 -14.95 -5.08
C ILE A 42 6.62 -14.57 -4.61
N LYS A 43 7.62 -15.33 -5.02
CA LYS A 43 8.97 -14.99 -4.66
C LYS A 43 9.38 -13.61 -5.32
N THR A 44 9.09 -13.40 -6.61
CA THR A 44 9.33 -12.15 -7.29
C THR A 44 8.70 -10.96 -6.62
N VAL A 45 7.37 -10.99 -6.33
CA VAL A 45 6.67 -9.90 -5.62
C VAL A 45 7.16 -9.74 -4.21
N THR A 46 7.26 -10.84 -3.50
CA THR A 46 7.84 -10.64 -2.20
C THR A 46 9.19 -9.85 -2.20
N GLU A 47 10.11 -10.21 -3.10
CA GLU A 47 11.46 -9.65 -3.04
C GLU A 47 11.39 -8.15 -3.47
N ALA A 48 10.61 -7.90 -4.50
CA ALA A 48 10.33 -6.54 -4.89
C ALA A 48 9.95 -5.67 -3.68
N HIS A 49 9.15 -6.23 -2.81
CA HIS A 49 8.68 -5.45 -1.74
C HIS A 49 9.75 -5.33 -0.75
N VAL A 50 10.38 -6.47 -0.41
CA VAL A 50 11.32 -6.45 0.79
C VAL A 50 12.45 -5.46 0.50
N ALA A 51 12.88 -5.48 -0.77
CA ALA A 51 13.86 -4.49 -1.27
C ALA A 51 13.54 -3.03 -1.08
N THR A 52 12.25 -2.71 -1.22
CA THR A 52 11.84 -1.31 -1.37
C THR A 52 11.06 -0.94 -0.18
N ASN A 53 11.15 -1.72 0.85
CA ASN A 53 10.50 -1.39 1.99
C ASN A 53 11.50 -0.73 3.03
N ALA A 54 11.80 0.55 2.91
CA ALA A 54 12.64 1.24 3.90
C ALA A 54 12.83 0.59 5.25
N GLN A 55 14.10 0.26 5.54
CA GLN A 55 14.53 -0.45 6.81
C GLN A 55 13.90 -1.84 7.15
N GLY A 56 13.65 -2.71 6.17
CA GLY A 56 12.98 -3.97 6.42
C GLY A 56 12.42 -4.23 7.85
N SER A 57 12.97 -5.27 8.55
CA SER A 57 12.49 -5.75 9.92
C SER A 57 13.14 -5.00 11.13
N HIS A 58 14.03 -4.07 10.79
CA HIS A 58 14.82 -3.24 11.73
C HIS A 58 14.17 -1.82 12.12
N TRP A 59 12.91 -1.56 11.70
CA TRP A 59 12.27 -0.22 11.80
C TRP A 59 11.89 0.13 13.29
N LYS A 60 11.59 -0.81 14.21
CA LYS A 60 11.04 -0.36 15.51
C LYS A 60 12.08 0.39 16.40
N GLN A 61 13.37 0.11 16.25
CA GLN A 61 14.41 0.80 17.02
C GLN A 61 15.08 1.88 16.14
N LYS A 62 14.96 1.80 14.81
CA LYS A 62 15.53 2.82 13.92
C LYS A 62 14.63 4.14 13.85
N ARG A 63 13.57 4.22 14.65
CA ARG A 63 12.61 5.27 14.38
C ARG A 63 12.59 6.41 15.40
N LYS A 64 12.68 7.68 14.91
CA LYS A 64 12.56 8.84 15.80
C LYS A 64 11.13 9.34 15.95
N PHE A 65 10.52 9.24 17.15
CA PHE A 65 9.22 9.84 17.43
C PHE A 65 9.24 11.39 17.17
N LEU A 66 8.26 11.91 16.48
CA LEU A 66 8.27 13.30 16.18
C LEU A 66 7.75 13.97 17.51
N PRO A 67 8.37 15.10 17.88
CA PRO A 67 8.03 15.75 19.14
C PRO A 67 6.58 16.12 19.33
N GLU A 68 5.98 15.68 20.46
CA GLU A 68 4.60 15.98 20.87
C GLU A 68 4.22 17.46 20.43
N ASP A 69 5.16 18.38 20.34
CA ASP A 69 4.82 19.80 20.14
C ASP A 69 4.57 20.10 18.65
N ILE A 70 5.21 19.31 17.78
CA ILE A 70 4.89 19.45 16.36
C ILE A 70 3.50 18.76 15.97
N GLY A 71 2.68 19.53 15.25
CA GLY A 71 1.27 19.22 15.05
C GLY A 71 0.32 19.42 16.25
N VAL A 84 -4.61 23.64 8.96
CA VAL A 84 -3.37 22.96 8.60
C VAL A 84 -2.04 23.47 9.28
N ASP A 85 -1.54 22.68 10.27
CA ASP A 85 -0.26 22.91 10.97
C ASP A 85 0.94 22.75 10.08
N LEU A 86 1.54 23.83 9.77
CA LEU A 86 2.42 23.82 8.63
C LEU A 86 3.85 23.28 8.88
N GLU A 87 4.25 23.22 10.17
CA GLU A 87 5.60 22.81 10.59
C GLU A 87 5.60 21.31 10.36
N ALA A 88 4.50 20.66 10.80
CA ALA A 88 4.16 19.24 10.54
C ALA A 88 4.20 18.87 9.06
N PHE A 89 3.48 19.66 8.35
CA PHE A 89 3.37 19.42 6.95
C PHE A 89 4.76 19.37 6.37
N SER A 90 5.66 20.24 6.86
CA SER A 90 6.94 20.46 6.14
C SER A 90 7.78 19.19 6.40
N HIS A 91 7.78 18.71 7.68
CA HIS A 91 8.41 17.37 7.93
C HIS A 91 7.90 16.19 6.98
N PHE A 92 6.57 16.14 6.69
CA PHE A 92 6.06 15.05 5.97
C PHE A 92 6.45 15.28 4.56
N THR A 93 6.50 16.52 4.13
CA THR A 93 6.81 16.67 2.70
C THR A 93 8.28 16.50 2.42
N LYS A 94 9.07 16.70 3.46
CA LYS A 94 10.50 16.53 3.29
C LYS A 94 10.70 15.03 2.89
N ILE A 95 10.03 14.08 3.60
CA ILE A 95 10.31 12.61 3.41
C ILE A 95 9.44 11.91 2.46
N ILE A 96 8.53 12.61 1.84
CA ILE A 96 7.68 12.00 0.87
C ILE A 96 8.28 11.70 -0.55
N THR A 97 9.25 12.42 -1.00
CA THR A 97 9.75 12.10 -2.34
C THR A 97 10.41 10.68 -2.32
N PRO A 98 11.15 10.29 -1.24
CA PRO A 98 11.72 8.93 -1.25
C PRO A 98 10.67 7.84 -1.12
N ALA A 99 9.66 8.08 -0.27
CA ALA A 99 8.48 7.21 -0.17
C ALA A 99 7.84 6.96 -1.52
N ILE A 100 7.64 8.00 -2.30
CA ILE A 100 7.08 7.79 -3.60
C ILE A 100 8.00 6.93 -4.40
N THR A 101 9.28 7.17 -4.31
CA THR A 101 10.12 6.56 -5.35
C THR A 101 10.26 5.09 -4.97
N ARG A 102 10.21 4.72 -3.70
CA ARG A 102 10.32 3.33 -3.39
C ARG A 102 9.14 2.49 -3.88
N VAL A 103 7.99 3.11 -4.10
CA VAL A 103 6.81 2.50 -4.80
C VAL A 103 7.03 2.42 -6.29
N VAL A 104 7.53 3.42 -6.93
CA VAL A 104 7.92 3.18 -8.32
C VAL A 104 8.96 2.01 -8.43
N ASP A 105 9.84 1.89 -7.45
CA ASP A 105 10.86 0.85 -7.53
C ASP A 105 10.21 -0.50 -7.33
N PHE A 106 9.15 -0.56 -6.48
CA PHE A 106 8.47 -1.83 -6.25
C PHE A 106 7.84 -2.29 -7.55
N ALA A 107 7.35 -1.37 -8.28
CA ALA A 107 6.69 -1.73 -9.48
C ALA A 107 7.56 -2.17 -10.61
N LYS A 108 8.66 -1.46 -10.78
CA LYS A 108 9.75 -1.74 -11.74
C LYS A 108 10.24 -3.15 -11.69
N LYS A 109 10.34 -3.64 -10.42
CA LYS A 109 10.66 -5.02 -10.12
C LYS A 109 9.58 -6.05 -10.31
N LEU A 110 8.44 -5.66 -10.88
CA LEU A 110 7.49 -6.63 -11.38
C LEU A 110 7.51 -6.71 -12.90
N PRO A 111 7.88 -7.86 -13.46
CA PRO A 111 7.91 -8.01 -14.92
C PRO A 111 6.64 -7.70 -15.55
N MET A 112 5.53 -8.10 -14.96
CA MET A 112 4.27 -7.73 -15.59
C MET A 112 4.08 -6.18 -15.76
N PHE A 113 4.68 -5.41 -14.86
CA PHE A 113 4.56 -3.98 -14.96
C PHE A 113 5.36 -3.54 -16.07
N CYS A 114 6.55 -4.15 -16.26
CA CYS A 114 7.49 -3.82 -17.35
C CYS A 114 6.86 -4.12 -18.64
N GLU A 115 5.94 -5.06 -18.67
CA GLU A 115 5.31 -5.43 -19.95
C GLU A 115 4.24 -4.45 -20.47
N LEU A 116 4.07 -3.35 -19.79
CA LEU A 116 3.02 -2.45 -20.14
C LEU A 116 3.57 -1.19 -20.78
N PRO A 117 2.74 -0.52 -21.59
CA PRO A 117 3.00 0.78 -22.13
C PRO A 117 3.11 1.89 -21.09
N CYS A 118 3.86 2.90 -21.52
CA CYS A 118 4.54 3.86 -20.70
C CYS A 118 3.44 4.73 -20.03
N GLU A 119 2.46 5.17 -20.82
CA GLU A 119 1.26 5.85 -20.33
C GLU A 119 0.49 5.03 -19.29
N ASP A 120 0.36 3.70 -19.52
CA ASP A 120 -0.36 2.77 -18.60
C ASP A 120 0.34 2.67 -17.31
N GLN A 121 1.65 2.42 -17.36
CA GLN A 121 2.51 2.45 -16.18
C GLN A 121 2.40 3.70 -15.31
N ILE A 122 2.33 4.84 -15.96
CA ILE A 122 2.28 6.09 -15.21
C ILE A 122 0.88 6.22 -14.57
N ILE A 123 -0.11 5.84 -15.37
CA ILE A 123 -1.49 5.77 -14.92
C ILE A 123 -1.69 4.87 -13.69
N LEU A 124 -1.23 3.62 -13.75
CA LEU A 124 -1.22 2.73 -12.60
C LEU A 124 -0.48 3.26 -11.39
N LEU A 125 0.64 3.90 -11.55
CA LEU A 125 1.34 4.39 -10.42
C LEU A 125 0.69 5.52 -9.70
N LYS A 126 0.24 6.51 -10.48
CA LYS A 126 -0.42 7.63 -9.89
C LYS A 126 -1.64 7.12 -9.12
N GLY A 127 -2.34 6.14 -9.68
CA GLY A 127 -3.45 5.48 -9.00
C GLY A 127 -3.21 4.84 -7.65
N CYS A 128 -2.11 4.11 -7.53
CA CYS A 128 -1.82 3.32 -6.33
C CYS A 128 -0.87 3.88 -5.42
N CYS A 129 -0.24 4.97 -5.80
CA CYS A 129 0.80 5.45 -4.97
C CYS A 129 0.33 5.66 -3.53
N MET A 130 -0.72 6.46 -3.26
CA MET A 130 -1.17 6.60 -1.85
C MET A 130 -1.71 5.37 -1.17
N GLU A 131 -2.35 4.52 -1.98
CA GLU A 131 -2.85 3.22 -1.50
C GLU A 131 -1.74 2.40 -0.94
N ILE A 132 -0.60 2.34 -1.65
CA ILE A 132 0.53 1.59 -1.19
C ILE A 132 1.22 2.18 -0.03
N MET A 133 1.44 3.46 -0.08
CA MET A 133 2.15 4.19 0.99
C MET A 133 1.37 4.06 2.19
N SER A 134 0.03 4.08 2.07
CA SER A 134 -0.82 4.01 3.27
C SER A 134 -0.77 2.68 3.84
N LEU A 135 -0.69 1.68 3.00
CA LEU A 135 -0.53 0.33 3.50
C LEU A 135 0.79 0.17 4.26
N ARG A 136 1.87 0.66 3.65
CA ARG A 136 3.18 0.58 4.27
C ARG A 136 3.21 1.32 5.66
N ALA A 137 2.53 2.40 5.76
CA ALA A 137 2.39 3.03 7.02
C ALA A 137 1.52 2.24 8.01
N ALA A 138 0.40 1.67 7.51
CA ALA A 138 -0.54 1.11 8.46
C ALA A 138 0.02 -0.19 9.04
N VAL A 139 0.80 -0.94 8.25
CA VAL A 139 1.36 -2.14 8.84
C VAL A 139 2.42 -1.90 9.93
N ARG A 140 2.97 -0.67 10.03
CA ARG A 140 3.88 -0.19 11.08
C ARG A 140 3.16 0.57 12.17
N TYR A 141 1.93 0.18 12.35
CA TYR A 141 1.26 0.64 13.53
C TYR A 141 1.83 -0.05 14.80
N ASP A 142 2.12 0.73 15.83
CA ASP A 142 2.52 0.23 17.13
C ASP A 142 1.52 0.59 18.19
N PRO A 143 0.90 -0.37 18.80
CA PRO A 143 -0.13 -0.08 19.82
C PRO A 143 0.45 0.49 21.18
N GLU A 144 1.74 0.18 21.47
CA GLU A 144 2.38 0.59 22.69
C GLU A 144 2.36 2.12 22.60
N SER A 145 3.01 2.66 21.61
CA SER A 145 3.04 4.14 21.47
C SER A 145 1.82 4.82 20.81
N GLU A 146 0.88 4.05 20.28
CA GLU A 146 -0.17 4.62 19.39
C GLU A 146 0.43 5.43 18.17
N THR A 147 1.57 4.96 17.60
CA THR A 147 2.09 5.59 16.41
C THR A 147 2.15 4.63 15.17
N LEU A 148 2.30 5.26 13.97
CA LEU A 148 2.65 4.63 12.74
C LEU A 148 3.98 5.15 12.42
N THR A 149 4.69 4.50 11.53
CA THR A 149 6.00 4.99 11.24
C THR A 149 6.06 5.21 9.80
N LEU A 150 6.51 6.41 9.41
CA LEU A 150 6.68 6.72 8.01
C LEU A 150 8.07 6.56 7.47
N ASN A 151 8.14 6.05 6.29
CA ASN A 151 9.39 5.86 5.66
C ASN A 151 10.30 5.07 6.53
N GLY A 152 9.71 4.24 7.39
CA GLY A 152 10.58 3.57 8.36
C GLY A 152 11.41 4.54 9.14
N GLU A 153 11.63 5.78 8.61
CA GLU A 153 12.32 6.91 9.37
C GLU A 153 11.49 7.55 10.59
N MET A 154 10.20 8.02 10.51
CA MET A 154 9.51 8.84 11.55
C MET A 154 8.15 8.38 12.17
N ALA A 155 8.02 8.38 13.50
CA ALA A 155 6.84 7.89 14.20
C ALA A 155 5.93 9.01 14.57
N VAL A 156 4.69 9.01 13.98
CA VAL A 156 3.64 10.03 14.29
C VAL A 156 2.48 9.49 14.97
N THR A 157 1.84 10.40 15.67
CA THR A 157 0.50 10.10 16.24
C THR A 157 -0.62 10.33 15.18
N ARG A 158 -1.81 9.88 15.50
CA ARG A 158 -3.01 10.19 14.75
C ARG A 158 -3.18 11.68 14.63
N GLY A 159 -3.28 12.45 15.75
CA GLY A 159 -3.27 13.93 15.71
C GLY A 159 -2.15 14.56 14.82
N GLN A 160 -0.93 14.10 14.96
CA GLN A 160 0.11 14.82 14.27
C GLN A 160 -0.09 14.66 12.77
N LEU A 161 -0.53 13.44 12.37
CA LEU A 161 -0.66 13.13 10.94
C LEU A 161 -1.90 13.85 10.38
N LYS A 162 -3.00 13.81 11.17
CA LYS A 162 -4.27 14.58 10.87
C LYS A 162 -3.90 16.12 10.66
N ASN A 163 -3.31 16.82 11.71
CA ASN A 163 -3.06 18.25 11.70
C ASN A 163 -2.04 18.67 10.74
N GLY A 164 -1.25 17.75 10.22
CA GLY A 164 -0.20 18.12 9.28
C GLY A 164 -0.61 18.05 7.87
N GLY A 165 -1.92 17.84 7.63
CA GLY A 165 -2.45 17.82 6.27
C GLY A 165 -3.42 16.71 5.82
N LEU A 166 -3.38 15.56 6.47
CA LEU A 166 -4.22 14.42 6.07
C LEU A 166 -5.65 14.54 6.53
N GLY A 167 -5.92 15.34 7.47
CA GLY A 167 -7.19 15.18 8.12
C GLY A 167 -7.68 13.75 8.41
N VAL A 168 -8.93 13.51 8.11
CA VAL A 168 -9.56 12.28 8.34
C VAL A 168 -8.91 11.10 7.60
N VAL A 169 -8.10 11.30 6.58
CA VAL A 169 -7.33 10.24 6.03
C VAL A 169 -6.40 9.71 7.12
N SER A 170 -5.79 10.54 7.94
CA SER A 170 -5.14 9.96 9.12
C SER A 170 -6.03 8.97 9.92
N ASP A 171 -7.22 9.38 10.29
CA ASP A 171 -8.00 8.46 10.99
C ASP A 171 -8.21 7.17 10.22
N ALA A 172 -8.38 7.31 8.91
CA ALA A 172 -8.60 6.09 8.09
C ALA A 172 -7.47 5.12 8.17
N ILE A 173 -6.26 5.65 8.00
CA ILE A 173 -5.00 4.86 8.07
C ILE A 173 -4.81 4.25 9.51
N PHE A 174 -4.87 5.01 10.57
CA PHE A 174 -4.73 4.50 11.89
C PHE A 174 -5.80 3.43 12.12
N ASP A 175 -7.02 3.67 11.76
CA ASP A 175 -7.95 2.69 12.07
C ASP A 175 -7.57 1.42 11.37
N LEU A 176 -6.98 1.55 10.20
CA LEU A 176 -6.68 0.38 9.40
C LEU A 176 -5.59 -0.39 10.05
N GLY A 177 -4.52 0.32 10.43
CA GLY A 177 -3.29 -0.25 11.03
C GLY A 177 -3.69 -1.02 12.28
N MET A 178 -4.55 -0.42 13.04
CA MET A 178 -5.14 -1.05 14.22
C MET A 178 -5.86 -2.28 13.90
N SER A 179 -6.48 -2.34 12.77
CA SER A 179 -7.22 -3.52 12.42
C SER A 179 -6.39 -4.68 11.82
N LEU A 180 -5.24 -4.34 11.17
CA LEU A 180 -4.35 -5.28 10.52
C LEU A 180 -3.43 -5.85 11.54
N SER A 181 -3.57 -5.35 12.76
CA SER A 181 -2.85 -5.97 13.87
C SER A 181 -3.19 -7.51 14.03
N SER A 182 -4.47 -7.81 13.96
CA SER A 182 -4.90 -9.17 14.07
C SER A 182 -4.66 -9.94 12.78
N PHE A 183 -4.36 -9.31 11.64
CA PHE A 183 -4.14 -10.12 10.42
C PHE A 183 -2.77 -10.70 10.42
N ASN A 184 -1.89 -10.09 11.12
CA ASN A 184 -0.62 -10.72 11.09
C ASN A 184 -0.02 -10.94 9.75
N LEU A 185 -0.11 -9.94 8.93
CA LEU A 185 0.45 -10.10 7.65
C LEU A 185 1.96 -10.22 7.64
N ASP A 186 2.46 -11.01 6.72
CA ASP A 186 3.84 -11.23 6.53
C ASP A 186 4.28 -10.46 5.33
N ASP A 187 5.55 -10.40 5.04
CA ASP A 187 5.95 -9.58 3.92
C ASP A 187 5.34 -10.00 2.62
N THR A 188 4.95 -11.25 2.44
CA THR A 188 4.44 -11.69 1.18
C THR A 188 3.05 -11.17 0.95
N GLU A 189 2.36 -11.13 2.06
CA GLU A 189 0.94 -10.77 2.11
C GLU A 189 0.75 -9.29 1.79
N VAL A 190 1.63 -8.51 2.38
CA VAL A 190 1.70 -7.05 2.09
C VAL A 190 2.20 -6.84 0.64
N ALA A 191 3.06 -7.64 0.15
CA ALA A 191 3.55 -7.39 -1.13
C ALA A 191 2.49 -7.71 -2.14
N LEU A 192 1.70 -8.74 -1.86
CA LEU A 192 0.68 -9.16 -2.86
C LEU A 192 -0.48 -8.20 -2.90
N LEU A 193 -0.87 -7.76 -1.69
CA LEU A 193 -1.77 -6.66 -1.55
C LEU A 193 -1.25 -5.52 -2.41
N GLN A 194 0.05 -5.14 -2.34
CA GLN A 194 0.56 -4.03 -3.15
C GLN A 194 0.42 -4.27 -4.61
N ALA A 195 0.61 -5.48 -4.99
CA ALA A 195 0.52 -5.90 -6.37
C ALA A 195 -0.92 -5.81 -6.87
N VAL A 196 -1.87 -6.20 -5.98
CA VAL A 196 -3.29 -6.13 -6.34
C VAL A 196 -3.70 -4.65 -6.49
N LEU A 197 -3.19 -3.78 -5.65
CA LEU A 197 -3.47 -2.39 -5.79
C LEU A 197 -2.88 -1.76 -7.06
N LEU A 198 -1.67 -2.10 -7.35
CA LEU A 198 -1.04 -1.62 -8.55
C LEU A 198 -1.75 -2.05 -9.82
N MET A 199 -2.11 -3.31 -9.95
CA MET A 199 -2.81 -3.75 -11.18
C MET A 199 -4.28 -3.49 -11.20
N SER A 200 -4.71 -2.23 -11.13
CA SER A 200 -6.13 -1.88 -11.10
C SER A 200 -6.59 -1.44 -12.46
N SER A 201 -7.64 -2.08 -12.97
CA SER A 201 -8.01 -1.98 -14.39
C SER A 201 -8.97 -0.83 -14.62
N ASP A 202 -9.44 -0.35 -13.51
CA ASP A 202 -10.44 0.66 -13.56
C ASP A 202 -9.86 1.99 -13.51
N ARG A 203 -8.57 2.18 -13.49
CA ARG A 203 -8.16 3.57 -13.47
C ARG A 203 -8.52 4.12 -14.78
N PRO A 204 -8.82 5.38 -14.75
CA PRO A 204 -9.14 6.07 -15.99
C PRO A 204 -7.87 6.36 -16.85
N GLY A 205 -8.10 6.07 -18.13
CA GLY A 205 -7.17 6.43 -19.19
C GLY A 205 -6.44 5.27 -19.69
N LEU A 206 -6.67 4.12 -19.09
CA LEU A 206 -5.78 3.00 -19.34
C LEU A 206 -6.06 2.53 -20.73
N ALA A 207 -5.05 1.92 -21.34
CA ALA A 207 -5.20 1.38 -22.67
C ALA A 207 -5.34 -0.16 -22.60
N CYS A 208 -4.36 -0.79 -22.00
CA CYS A 208 -4.40 -2.23 -21.79
C CYS A 208 -5.21 -2.83 -20.55
N VAL A 209 -6.46 -2.41 -20.43
CA VAL A 209 -7.39 -2.95 -19.43
C VAL A 209 -7.39 -4.49 -19.38
N GLU A 210 -7.75 -5.20 -20.41
CA GLU A 210 -7.86 -6.60 -20.24
C GLU A 210 -6.60 -7.16 -19.80
N ARG A 211 -5.48 -6.60 -20.20
CA ARG A 211 -4.21 -7.25 -19.77
C ARG A 211 -3.87 -6.99 -18.29
N ILE A 212 -4.24 -5.77 -17.82
CA ILE A 212 -4.06 -5.48 -16.43
C ILE A 212 -4.94 -6.37 -15.52
N GLU A 213 -6.15 -6.68 -15.95
CA GLU A 213 -7.09 -7.53 -15.27
C GLU A 213 -6.55 -8.83 -15.23
N LYS A 214 -6.01 -9.38 -16.29
CA LYS A 214 -5.40 -10.72 -16.19
C LYS A 214 -4.23 -10.76 -15.21
N TYR A 215 -3.43 -9.72 -15.14
CA TYR A 215 -2.25 -9.82 -14.20
C TYR A 215 -2.77 -9.78 -12.77
N GLN A 216 -3.75 -8.92 -12.58
CA GLN A 216 -4.44 -8.82 -11.33
C GLN A 216 -4.96 -10.18 -10.94
N ASP A 217 -5.70 -10.86 -11.81
CA ASP A 217 -6.34 -12.04 -11.39
C ASP A 217 -5.23 -13.05 -11.06
N SER A 218 -4.15 -12.89 -11.76
CA SER A 218 -3.09 -13.79 -11.51
C SER A 218 -2.53 -13.49 -10.09
N PHE A 219 -2.44 -12.24 -9.67
CA PHE A 219 -1.92 -12.00 -8.36
C PHE A 219 -2.92 -12.49 -7.28
N LEU A 220 -4.21 -12.16 -7.45
CA LEU A 220 -5.23 -12.58 -6.49
C LEU A 220 -5.27 -14.05 -6.32
N LEU A 221 -4.98 -14.78 -7.39
CA LEU A 221 -5.10 -16.23 -7.33
C LEU A 221 -3.94 -16.80 -6.56
N ALA A 222 -2.78 -16.28 -6.84
CA ALA A 222 -1.64 -16.66 -6.03
C ALA A 222 -1.76 -16.23 -4.54
N PHE A 223 -2.40 -15.07 -4.30
CA PHE A 223 -2.49 -14.50 -2.95
C PHE A 223 -3.41 -15.45 -2.14
N GLU A 224 -4.57 -15.84 -2.70
CA GLU A 224 -5.53 -16.73 -2.03
C GLU A 224 -4.86 -17.99 -1.74
N HIS A 225 -4.15 -18.46 -2.75
CA HIS A 225 -3.44 -19.73 -2.59
C HIS A 225 -2.44 -19.58 -1.42
N TYR A 226 -1.82 -18.43 -1.33
CA TYR A 226 -0.79 -18.28 -0.33
C TYR A 226 -1.41 -18.20 1.02
N ILE A 227 -2.54 -17.60 1.12
CA ILE A 227 -3.27 -17.61 2.34
C ILE A 227 -3.72 -18.94 2.81
N ASN A 228 -4.12 -19.79 1.88
CA ASN A 228 -4.49 -21.22 2.17
C ASN A 228 -3.32 -21.95 2.79
N TYR A 229 -2.18 -21.75 2.16
CA TYR A 229 -0.95 -22.20 2.72
C TYR A 229 -0.62 -21.68 4.11
N ARG A 230 -0.99 -20.43 4.40
CA ARG A 230 -0.61 -19.83 5.69
C ARG A 230 -1.47 -20.30 6.87
N LYS A 231 -2.62 -20.78 6.55
CA LYS A 231 -3.57 -21.13 7.57
C LYS A 231 -3.51 -20.18 8.71
N HIS A 232 -4.00 -18.96 8.42
CA HIS A 232 -4.30 -17.96 9.44
C HIS A 232 -5.39 -18.48 10.37
N HIS A 233 -5.35 -18.17 11.68
CA HIS A 233 -6.45 -18.62 12.53
C HIS A 233 -7.48 -17.57 12.79
N VAL A 234 -8.11 -17.23 11.68
CA VAL A 234 -9.16 -16.25 11.60
C VAL A 234 -10.17 -16.68 10.66
N THR A 235 -11.38 -16.69 11.13
CA THR A 235 -12.37 -17.09 10.17
C THR A 235 -12.60 -16.07 9.12
N HIS A 236 -12.75 -16.61 7.89
CA HIS A 236 -13.10 -15.86 6.74
C HIS A 236 -12.01 -14.83 6.47
N PHE A 237 -10.80 -15.32 6.53
CA PHE A 237 -9.67 -14.46 6.32
C PHE A 237 -9.60 -13.73 4.91
N TRP A 238 -9.79 -14.45 3.82
CA TRP A 238 -9.67 -13.87 2.47
C TRP A 238 -10.73 -12.73 2.23
N PRO A 239 -12.00 -12.97 2.52
CA PRO A 239 -13.00 -11.97 2.32
C PRO A 239 -12.66 -10.75 3.07
N LYS A 240 -12.09 -11.03 4.23
CA LYS A 240 -11.75 -9.96 5.16
C LYS A 240 -10.63 -9.20 4.63
N LEU A 241 -9.67 -9.83 4.01
CA LEU A 241 -8.55 -9.08 3.52
C LEU A 241 -8.87 -8.33 2.28
N LEU A 242 -9.67 -8.89 1.36
CA LEU A 242 -10.28 -8.08 0.22
C LEU A 242 -11.02 -6.80 0.57
N MET A 243 -11.71 -6.85 1.68
CA MET A 243 -12.30 -5.65 2.23
C MET A 243 -11.31 -4.53 2.55
N LYS A 244 -10.10 -4.90 2.95
CA LYS A 244 -9.01 -3.93 3.14
C LYS A 244 -8.49 -3.29 1.84
N VAL A 245 -8.49 -4.06 0.73
CA VAL A 245 -8.20 -3.46 -0.54
C VAL A 245 -9.12 -2.26 -0.82
N THR A 246 -10.40 -2.41 -0.61
CA THR A 246 -11.37 -1.36 -0.75
C THR A 246 -11.10 -0.20 0.14
N ASP A 247 -10.76 -0.46 1.37
CA ASP A 247 -10.56 0.58 2.32
C ASP A 247 -9.32 1.41 1.93
N LEU A 248 -8.36 0.72 1.31
CA LEU A 248 -7.19 1.35 0.82
C LEU A 248 -7.52 2.22 -0.32
N ARG A 249 -8.39 1.72 -1.19
CA ARG A 249 -8.87 2.51 -2.30
C ARG A 249 -9.55 3.77 -1.85
N MET A 250 -10.34 3.64 -0.84
CA MET A 250 -10.98 4.78 -0.27
C MET A 250 -10.00 5.79 0.36
N ILE A 251 -8.99 5.30 0.99
CA ILE A 251 -7.98 6.16 1.53
C ILE A 251 -7.46 6.93 0.32
N GLY A 252 -7.17 6.24 -0.78
CA GLY A 252 -6.58 6.99 -1.82
C GLY A 252 -7.47 8.10 -2.37
N ALA A 253 -8.77 7.76 -2.64
CA ALA A 253 -9.74 8.72 -3.08
C ALA A 253 -9.81 9.94 -2.17
N CYS A 254 -9.95 9.66 -0.93
CA CYS A 254 -10.07 10.64 0.06
C CYS A 254 -8.81 11.46 0.15
N HIS A 255 -7.68 10.91 -0.16
CA HIS A 255 -6.47 11.72 -0.16
C HIS A 255 -6.47 12.69 -1.36
N ALA A 256 -7.00 12.26 -2.49
CA ALA A 256 -7.05 13.14 -3.68
C ALA A 256 -7.73 14.43 -3.30
N SER A 257 -8.82 14.26 -2.60
CA SER A 257 -9.59 15.37 -2.15
C SER A 257 -8.82 16.18 -1.08
N ARG A 258 -8.17 15.48 -0.15
CA ARG A 258 -7.35 16.21 0.81
C ARG A 258 -6.28 17.04 0.07
N PHE A 259 -5.81 16.50 -1.04
CA PHE A 259 -4.75 17.12 -1.75
C PHE A 259 -5.16 18.46 -2.37
N LEU A 260 -6.44 18.56 -2.78
CA LEU A 260 -7.01 19.85 -3.24
C LEU A 260 -7.12 20.78 -2.04
N HIS A 261 -7.70 20.35 -0.92
CA HIS A 261 -7.80 21.19 0.23
C HIS A 261 -6.41 21.75 0.68
N MET A 262 -5.36 21.26 0.10
CA MET A 262 -4.03 21.48 0.60
C MET A 262 -3.36 22.54 -0.22
N LYS A 263 -3.35 22.30 -1.50
CA LYS A 263 -3.02 23.31 -2.48
C LYS A 263 -3.65 24.68 -2.24
N VAL A 264 -4.90 24.69 -1.87
CA VAL A 264 -5.41 25.98 -1.44
C VAL A 264 -4.81 26.39 -0.09
N GLU A 265 -4.96 25.65 1.04
CA GLU A 265 -4.31 26.03 2.36
C GLU A 265 -2.73 26.15 2.30
N CYS A 266 -1.89 25.09 2.27
CA CYS A 266 -0.42 25.24 2.28
C CYS A 266 0.11 25.84 0.95
N PRO A 267 1.26 26.49 1.01
CA PRO A 267 1.87 27.20 -0.15
C PRO A 267 2.44 26.41 -1.24
N THR A 268 2.14 26.69 -2.54
CA THR A 268 2.84 25.97 -3.70
C THR A 268 4.33 25.66 -3.36
N GLU A 269 4.90 26.59 -2.61
CA GLU A 269 6.30 26.45 -2.14
C GLU A 269 6.67 25.05 -1.53
N LEU A 270 5.88 24.48 -0.56
CA LEU A 270 6.32 23.26 0.15
C LEU A 270 5.96 21.90 -0.48
N PHE A 271 5.68 21.98 -1.76
CA PHE A 271 5.34 20.82 -2.53
C PHE A 271 6.43 20.31 -3.38
N PRO A 272 7.12 19.27 -2.90
CA PRO A 272 8.07 18.54 -3.71
C PRO A 272 7.56 18.20 -5.09
N PRO A 273 8.38 18.39 -6.09
CA PRO A 273 7.94 18.19 -7.46
C PRO A 273 7.30 16.90 -7.75
N LEU A 274 7.85 15.85 -7.12
CA LEU A 274 7.34 14.48 -7.44
C LEU A 274 5.95 14.34 -6.85
N PHE A 275 5.73 14.99 -5.67
CA PHE A 275 4.46 14.98 -4.95
C PHE A 275 3.48 15.58 -5.97
N LEU A 276 3.89 16.69 -6.59
CA LEU A 276 2.92 17.35 -7.47
C LEU A 276 2.67 16.48 -8.59
N GLU A 277 3.69 15.81 -9.12
CA GLU A 277 3.43 15.19 -10.42
C GLU A 277 2.51 13.97 -10.22
N VAL A 278 2.60 13.31 -9.04
CA VAL A 278 1.83 12.07 -8.83
C VAL A 278 0.37 12.38 -8.61
N PHE A 279 0.11 13.37 -7.83
CA PHE A 279 -1.24 13.75 -7.43
C PHE A 279 -2.00 14.93 -8.24
N GLU A 280 -1.24 15.61 -9.08
CA GLU A 280 -1.61 16.22 -10.31
C GLU A 280 -1.91 17.69 -10.08
AS CAC B . 10.61 -1.76 -16.89
AS CAC C . 4.85 7.75 -21.27
AS CAC D . 8.22 3.38 -20.79
AS CAC E . -2.04 -4.62 -24.16
AS CAC F . -12.42 13.04 1.88
AS CAC G . -13.26 7.63 4.17
C1 T44 H . 4.47 7.26 3.60
C2 T44 H . 3.12 7.13 3.90
C3 T44 H . 2.33 8.20 4.31
C4 T44 H . 2.95 9.50 4.46
C5 T44 H . 4.38 9.65 4.11
C6 T44 H . 5.05 8.53 3.68
C7 T44 H . 5.35 6.09 3.09
CA T44 H . 5.37 4.75 3.86
C T44 H . 6.48 3.88 3.37
C1' T44 H . 1.74 11.37 3.90
C2' T44 H . 1.45 12.62 4.30
C3' T44 H . 0.94 13.56 3.44
C4' T44 H . 0.68 13.35 2.06
C5' T44 H . 1.02 11.99 1.64
C6' T44 H . 1.54 11.06 2.56
N T44 H . 5.44 4.87 5.31
O4 T44 H . 2.21 10.54 4.87
O4' T44 H . 0.23 14.44 1.48
O T44 H . 6.74 3.74 2.13
OXT T44 H . 7.04 3.22 4.27
I3 T44 H . 0.36 7.94 4.91
I3' T44 H . 0.53 15.44 4.12
I5 T44 H . 5.37 11.47 4.27
I5' T44 H . 0.79 11.23 -0.28
#